data_8BYX
#
_entry.id   8BYX
#
_cell.length_a   116.779
_cell.length_b   116.779
_cell.length_c   118.057
_cell.angle_alpha   90.00
_cell.angle_beta   90.00
_cell.angle_gamma   90.00
#
_symmetry.space_group_name_H-M   'P 43 21 2'
#
loop_
_entity.id
_entity.type
_entity.pdbx_description
1 polymer DNA
2 polymer DNA
3 polymer 'Homeobox protein Hox-B13'
4 water water
#
loop_
_entity_poly.entity_id
_entity_poly.type
_entity_poly.pdbx_seq_one_letter_code
_entity_poly.pdbx_strand_id
1 'polydeoxyribonucleotide' (DG)(DT)(DT)(DG)(DT)(DA)(DT)(DT)(DT)(DT)(DA)(DT)(DT)(DG)(DG)(DT)(DC)(DC) D,C,H
2 'polydeoxyribonucleotide' (DG)(DG)(DA)(DC)(DC)(DA)(DA)(DT)(DA)(DA)(DA)(DA)(DT)(DA)(DC)(DA)(DA)(DC) E,F,I
3 'polypeptide(L)' GRKKRIPYSKGQLRELEREYAANKFITKDKRRKISAATSLSERQITIWFQNRRVKEKKVLAKV B,A,G,J,K,L
#
loop_
_chem_comp.id
_chem_comp.type
_chem_comp.name
_chem_comp.formula
DA DNA linking 2'-DEOXYADENOSINE-5'-MONOPHOSPHATE 'C10 H14 N5 O6 P'
DC DNA linking 2'-DEOXYCYTIDINE-5'-MONOPHOSPHATE 'C9 H14 N3 O7 P'
DG DNA linking 2'-DEOXYGUANOSINE-5'-MONOPHOSPHATE 'C10 H14 N5 O7 P'
DT DNA linking THYMIDINE-5'-MONOPHOSPHATE 'C10 H15 N2 O8 P'
#
# COMPACT_ATOMS: atom_id res chain seq x y z
N GLY C 1 11.16 2.06 5.80
CA GLY C 1 10.96 2.90 4.61
C GLY C 1 11.87 4.10 4.62
N ARG C 2 11.33 5.27 4.98
CA ARG C 2 12.05 6.58 5.09
C ARG C 2 13.00 6.76 3.89
N LYS C 3 14.31 6.88 4.14
CA LYS C 3 15.35 6.96 3.06
C LYS C 3 14.91 7.97 1.99
N LYS C 4 14.73 9.24 2.35
CA LYS C 4 14.27 10.27 1.37
C LYS C 4 15.16 10.22 0.12
N ARG C 5 14.57 10.02 -1.05
CA ARG C 5 15.30 9.89 -2.34
C ARG C 5 16.16 11.11 -2.64
N ILE C 6 17.35 10.90 -3.20
CA ILE C 6 18.28 12.02 -3.55
C ILE C 6 18.58 11.92 -5.05
N PRO C 7 18.17 12.91 -6.02
CA PRO C 7 18.35 13.19 -7.67
C PRO C 7 19.87 13.12 -7.80
N TYR C 8 20.36 12.28 -8.71
CA TYR C 8 21.81 12.05 -8.90
C TYR C 8 22.38 13.18 -9.77
N SER C 9 23.69 13.36 -9.72
CA SER C 9 24.35 14.45 -10.49
C SER C 9 24.32 14.14 -11.99
N LYS C 10 24.31 15.17 -12.81
CA LYS C 10 24.30 14.98 -14.27
C LYS C 10 25.60 14.29 -14.65
N GLY C 11 26.69 14.70 -14.00
CA GLY C 11 27.97 14.05 -14.30
C GLY C 11 27.86 12.56 -14.01
N GLN C 12 27.41 12.21 -12.82
CA GLN C 12 27.29 10.79 -12.44
C GLN C 12 26.33 10.10 -13.39
N LEU C 13 25.16 10.71 -13.61
CA LEU C 13 24.15 10.09 -14.48
C LEU C 13 24.76 9.81 -15.85
N ARG C 14 25.50 10.75 -16.38
CA ARG C 14 26.11 10.56 -17.71
C ARG C 14 27.01 9.33 -17.69
N GLU C 15 27.91 9.26 -16.72
CA GLU C 15 28.81 8.09 -16.61
C GLU C 15 27.94 6.85 -16.44
N LEU C 16 26.87 6.95 -15.67
CA LEU C 16 26.00 5.75 -15.47
C LEU C 16 25.48 5.31 -16.84
N GLU C 17 24.89 6.23 -17.59
CA GLU C 17 24.33 5.88 -18.91
C GLU C 17 25.44 5.28 -19.78
N ARG C 18 26.58 5.97 -19.82
CA ARG C 18 27.78 5.59 -20.62
C ARG C 18 28.03 4.09 -20.51
N GLU C 19 28.19 3.60 -19.28
CA GLU C 19 28.50 2.18 -19.04
C GLU C 19 27.29 1.31 -19.34
N TYR C 20 26.08 1.82 -19.09
CA TYR C 20 24.89 0.98 -19.34
C TYR C 20 24.80 0.70 -20.82
N ALA C 21 25.26 1.65 -21.63
CA ALA C 21 25.26 1.41 -23.09
C ALA C 21 26.17 0.23 -23.36
N ALA C 22 27.33 0.21 -22.70
CA ALA C 22 28.29 -0.90 -22.89
C ALA C 22 27.65 -2.22 -22.46
N ASN C 23 27.05 -2.27 -21.27
CA ASN C 23 26.48 -3.57 -20.80
C ASN C 23 25.24 -3.34 -19.96
N LYS C 24 24.13 -3.97 -20.34
CA LYS C 24 22.85 -3.82 -19.61
C LYS C 24 22.98 -4.45 -18.23
N PHE C 25 23.88 -5.43 -18.10
CA PHE C 25 24.15 -6.09 -16.80
C PHE C 25 25.57 -5.72 -16.39
N ILE C 26 25.80 -5.52 -15.09
CA ILE C 26 27.11 -5.01 -14.62
C ILE C 26 27.88 -6.06 -13.81
N THR C 27 29.17 -6.17 -14.10
CA THR C 27 30.07 -7.12 -13.43
C THR C 27 30.41 -6.57 -12.06
N LYS C 28 30.62 -7.48 -11.11
CA LYS C 28 30.95 -7.17 -9.71
C LYS C 28 32.28 -6.42 -9.69
N ASP C 29 33.03 -6.42 -10.79
CA ASP C 29 34.29 -5.64 -10.72
C ASP C 29 34.05 -4.23 -11.25
N LYS C 30 33.29 -4.12 -12.35
CA LYS C 30 33.06 -2.78 -12.92
C LYS C 30 32.37 -1.92 -11.87
N ARG C 31 31.40 -2.53 -11.19
CA ARG C 31 30.60 -1.83 -10.16
C ARG C 31 31.57 -1.14 -9.21
N ARG C 32 32.61 -1.83 -8.79
CA ARG C 32 33.55 -1.20 -7.84
C ARG C 32 34.28 -0.09 -8.57
N LYS C 33 34.47 -0.25 -9.87
CA LYS C 33 35.19 0.83 -10.56
C LYS C 33 34.24 2.02 -10.69
N ILE C 34 33.03 1.74 -11.12
CA ILE C 34 32.00 2.77 -11.41
C ILE C 34 31.71 3.54 -10.14
N SER C 35 31.49 2.84 -9.02
CA SER C 35 31.13 3.53 -7.76
C SER C 35 32.19 4.57 -7.41
N ALA C 36 33.40 4.10 -7.14
CA ALA C 36 34.53 4.98 -6.75
C ALA C 36 34.62 6.14 -7.73
N ALA C 37 34.37 5.86 -9.01
CA ALA C 37 34.51 6.89 -10.05
C ALA C 37 33.36 7.88 -9.97
N THR C 38 32.32 7.57 -9.18
CA THR C 38 31.13 8.45 -9.12
C THR C 38 30.67 8.70 -7.69
N SER C 39 31.44 8.19 -6.73
CA SER C 39 31.16 8.35 -5.28
C SER C 39 29.75 7.87 -4.97
N LEU C 40 29.40 6.65 -5.34
CA LEU C 40 28.05 6.17 -5.00
C LEU C 40 28.15 4.84 -4.26
N SER C 41 27.03 4.20 -4.00
CA SER C 41 27.12 2.91 -3.30
C SER C 41 27.03 1.81 -4.36
N GLU C 42 27.77 0.72 -4.16
CA GLU C 42 27.66 -0.39 -5.12
C GLU C 42 26.18 -0.76 -5.14
N ARG C 43 25.61 -0.82 -3.94
CA ARG C 43 24.18 -1.16 -3.78
C ARG C 43 23.39 -0.12 -4.56
N GLN C 44 23.82 1.13 -4.52
CA GLN C 44 23.07 2.16 -5.25
C GLN C 44 23.18 1.86 -6.73
N ILE C 45 24.41 1.65 -7.19
CA ILE C 45 24.70 1.41 -8.63
C ILE C 45 23.85 0.23 -9.09
N THR C 46 23.90 -0.87 -8.33
CA THR C 46 23.12 -2.08 -8.68
C THR C 46 21.65 -1.66 -8.76
N ILE C 47 21.24 -0.76 -7.88
CA ILE C 47 19.83 -0.32 -7.93
C ILE C 47 19.61 0.45 -9.22
N TRP C 48 20.58 1.25 -9.63
CA TRP C 48 20.39 2.05 -10.86
C TRP C 48 20.09 1.12 -12.03
N PHE C 49 21.05 0.24 -12.30
CA PHE C 49 20.95 -0.75 -13.39
C PHE C 49 19.71 -1.58 -13.14
N GLN C 50 19.46 -1.89 -11.88
CA GLN C 50 18.26 -2.70 -11.54
C GLN C 50 17.05 -1.94 -12.06
N ASN C 51 17.07 -0.62 -11.94
CA ASN C 51 15.95 0.26 -12.35
C ASN C 51 16.09 0.64 -13.82
N ARG C 52 17.31 0.93 -14.26
CA ARG C 52 17.53 1.36 -15.66
C ARG C 52 16.93 0.33 -16.61
N ARG C 53 17.11 -0.94 -16.25
CA ARG C 53 16.63 -2.14 -17.00
C ARG C 53 15.13 -1.97 -17.25
N VAL C 54 14.38 -1.57 -16.22
CA VAL C 54 12.91 -1.45 -16.39
C VAL C 54 12.59 -0.28 -17.32
N LYS C 55 13.44 0.74 -17.36
CA LYS C 55 13.14 1.90 -18.24
C LYS C 55 13.04 1.37 -19.66
N GLU C 56 14.14 0.76 -20.10
CA GLU C 56 14.30 0.19 -21.47
C GLU C 56 13.10 -0.66 -21.82
N LYS C 57 12.66 -1.48 -20.89
CA LYS C 57 11.50 -2.36 -21.15
C LYS C 57 10.29 -1.49 -21.45
N LYS C 58 10.21 -0.31 -20.82
CA LYS C 58 9.04 0.58 -20.98
C LYS C 58 9.06 1.21 -22.37
N VAL C 59 10.25 1.26 -22.97
CA VAL C 59 10.38 1.82 -24.34
C VAL C 59 9.59 0.94 -25.29
N LEU C 60 9.13 -0.21 -24.81
CA LEU C 60 8.28 -1.09 -25.66
C LEU C 60 7.12 -0.25 -26.21
N ALA C 61 6.80 0.85 -25.53
CA ALA C 61 5.74 1.76 -26.03
C ALA C 61 6.05 2.12 -27.48
N LYS C 62 7.31 2.39 -27.80
CA LYS C 62 7.72 2.70 -29.19
C LYS C 62 7.15 1.63 -30.13
N LYS F 4 -4.11 20.16 36.18
CA LYS F 4 -3.75 18.73 36.31
C LYS F 4 -4.42 17.93 35.19
N ARG F 5 -3.66 17.20 34.39
CA ARG F 5 -4.20 16.45 33.22
C ARG F 5 -5.14 15.33 33.65
N ILE F 6 -6.26 15.14 32.95
CA ILE F 6 -7.23 14.07 33.27
C ILE F 6 -7.63 13.35 31.98
N PRO F 7 -7.35 11.94 31.77
CA PRO F 7 -7.60 10.76 30.58
C PRO F 7 -9.09 10.78 30.26
N TYR F 8 -9.45 11.04 29.00
CA TYR F 8 -10.89 11.09 28.64
C TYR F 8 -11.38 9.64 28.48
N SER F 9 -12.68 9.41 28.67
CA SER F 9 -13.25 8.04 28.62
C SER F 9 -13.19 7.43 27.21
N LYS F 10 -13.28 6.10 27.15
CA LYS F 10 -13.26 5.39 25.86
C LYS F 10 -14.48 5.82 25.02
N GLY F 11 -15.64 5.83 25.66
CA GLY F 11 -16.89 6.22 24.99
C GLY F 11 -16.78 7.62 24.41
N GLN F 12 -16.40 8.58 25.23
CA GLN F 12 -16.24 9.98 24.75
C GLN F 12 -15.27 9.96 23.58
N LEU F 13 -14.15 9.31 23.82
CA LEU F 13 -13.08 9.11 22.82
C LEU F 13 -13.75 8.48 21.61
N ARG F 14 -14.68 7.56 21.78
CA ARG F 14 -15.28 6.92 20.59
C ARG F 14 -16.18 7.94 19.90
N GLU F 15 -16.99 8.65 20.68
CA GLU F 15 -17.88 9.65 20.07
C GLU F 15 -17.00 10.71 19.40
N LEU F 16 -15.89 11.07 20.05
CA LEU F 16 -14.94 12.09 19.52
C LEU F 16 -14.54 11.78 18.09
N GLU F 17 -13.88 10.64 17.90
CA GLU F 17 -13.40 10.24 16.55
C GLU F 17 -14.61 10.13 15.62
N ARG F 18 -15.80 10.03 16.20
CA ARG F 18 -17.04 9.97 15.40
C ARG F 18 -17.08 11.19 14.48
N GLU F 19 -16.96 12.39 15.07
CA GLU F 19 -17.04 13.66 14.33
C GLU F 19 -15.76 13.94 13.54
N TYR F 20 -14.59 13.69 14.13
CA TYR F 20 -13.34 14.00 13.39
C TYR F 20 -13.37 13.17 12.11
N ALA F 21 -13.94 11.98 12.24
CA ALA F 21 -14.12 11.13 11.05
C ALA F 21 -14.99 11.93 10.09
N ALA F 22 -16.06 12.53 10.62
CA ALA F 22 -17.00 13.34 9.80
C ALA F 22 -16.29 14.59 9.28
N ASN F 23 -15.45 15.23 10.09
CA ASN F 23 -14.80 16.48 9.62
C ASN F 23 -13.60 16.84 10.50
N LYS F 24 -12.47 17.16 9.86
CA LYS F 24 -11.19 17.49 10.56
C LYS F 24 -11.31 18.83 11.28
N PHE F 25 -12.29 19.66 10.89
CA PHE F 25 -12.58 20.95 11.57
C PHE F 25 -14.02 20.90 12.08
N ILE F 26 -14.32 21.68 13.11
CA ILE F 26 -15.69 21.62 13.72
C ILE F 26 -16.52 22.84 13.32
N THR F 27 -17.81 22.73 13.58
CA THR F 27 -18.79 23.82 13.43
C THR F 27 -18.99 24.38 14.83
N LYS F 28 -19.49 25.60 14.93
CA LYS F 28 -19.82 26.10 16.28
C LYS F 28 -21.08 25.35 16.74
N ASP F 29 -21.90 24.89 15.82
CA ASP F 29 -23.12 24.15 16.23
C ASP F 29 -22.68 22.76 16.70
N LYS F 30 -22.07 21.87 15.91
CA LYS F 30 -21.82 20.50 16.47
C LYS F 30 -20.91 20.52 17.69
N ARG F 31 -20.06 21.53 17.82
CA ARG F 31 -19.15 21.57 18.99
C ARG F 31 -20.01 21.59 20.26
N ARG F 32 -21.00 22.47 20.31
CA ARG F 32 -21.89 22.52 21.49
C ARG F 32 -22.56 21.17 21.69
N LYS F 33 -23.01 20.56 20.59
CA LYS F 33 -23.72 19.25 20.68
C LYS F 33 -22.84 18.24 21.43
N ILE F 34 -21.71 17.96 20.82
CA ILE F 34 -20.68 17.00 21.32
C ILE F 34 -20.32 17.39 22.75
N SER F 35 -20.42 18.68 23.07
CA SER F 35 -20.09 19.11 24.45
C SER F 35 -21.01 18.39 25.45
N ALA F 36 -22.31 18.66 25.35
CA ALA F 36 -23.35 18.13 26.26
C ALA F 36 -23.42 16.61 26.20
N ALA F 37 -23.37 16.06 24.99
CA ALA F 37 -23.48 14.60 24.77
C ALA F 37 -22.40 13.86 25.57
N THR F 38 -21.18 14.37 25.42
CA THR F 38 -19.95 13.88 26.05
C THR F 38 -19.68 14.67 27.33
N SER F 39 -20.60 15.55 27.69
CA SER F 39 -20.51 16.35 28.94
C SER F 39 -19.10 16.94 29.08
N LEU F 40 -18.61 17.61 28.06
CA LEU F 40 -17.22 18.15 28.15
C LEU F 40 -17.24 19.62 27.74
N SER F 41 -16.29 20.41 28.25
CA SER F 41 -16.23 21.85 27.88
C SER F 41 -15.93 22.02 26.39
N GLU F 42 -16.35 23.18 25.86
CA GLU F 42 -16.11 23.57 24.46
C GLU F 42 -14.62 23.84 24.29
N ARG F 43 -14.02 24.44 25.32
CA ARG F 43 -12.55 24.59 25.27
C ARG F 43 -11.97 23.17 25.33
N GLN F 44 -12.55 22.32 26.16
CA GLN F 44 -11.91 20.99 26.23
C GLN F 44 -12.10 20.33 24.87
N ILE F 45 -13.28 20.44 24.28
CA ILE F 45 -13.46 19.75 22.98
C ILE F 45 -12.60 20.39 21.90
N THR F 46 -12.53 21.72 21.86
CA THR F 46 -11.72 22.40 20.83
C THR F 46 -10.28 21.96 20.97
N ILE F 47 -9.84 21.99 22.22
CA ILE F 47 -8.46 21.60 22.59
C ILE F 47 -8.18 20.26 21.92
N TRP F 48 -9.11 19.31 21.96
CA TRP F 48 -8.87 18.00 21.31
C TRP F 48 -8.56 18.14 19.82
N PHE F 49 -9.49 18.79 19.12
CA PHE F 49 -9.42 18.90 17.65
C PHE F 49 -8.09 19.53 17.29
N GLN F 50 -7.73 20.57 18.02
CA GLN F 50 -6.46 21.27 17.75
C GLN F 50 -5.32 20.27 17.86
N ASN F 51 -5.50 19.30 18.75
CA ASN F 51 -4.44 18.30 19.04
C ASN F 51 -4.57 17.14 18.07
N ARG F 52 -5.70 17.19 17.37
CA ARG F 52 -5.96 16.28 16.22
C ARG F 52 -4.96 16.43 15.07
N ARG F 53 -4.85 17.63 14.54
CA ARG F 53 -4.15 18.01 13.31
C ARG F 53 -2.69 17.63 13.54
N VAL F 54 -2.24 17.77 14.77
CA VAL F 54 -0.84 17.41 15.07
C VAL F 54 -0.75 15.89 15.00
N LYS F 55 -1.89 15.27 15.30
CA LYS F 55 -2.05 13.80 15.29
C LYS F 55 -1.71 13.28 13.89
N GLU F 56 -2.67 13.52 12.99
CA GLU F 56 -2.70 13.10 11.57
C GLU F 56 -1.40 13.54 10.88
N LYS F 57 -0.95 14.76 11.15
CA LYS F 57 0.27 15.23 10.47
C LYS F 57 1.43 14.30 10.82
N LYS F 58 1.47 13.97 12.10
CA LYS F 58 2.45 13.09 12.75
C LYS F 58 2.43 11.76 12.00
N VAL F 59 1.37 11.45 11.28
CA VAL F 59 1.41 10.16 10.55
C VAL F 59 2.27 10.30 9.30
N LEU F 60 2.05 11.35 8.51
CA LEU F 60 2.73 11.51 7.20
C LEU F 60 4.24 11.73 7.31
N ALA F 61 4.79 11.96 8.50
CA ALA F 61 6.27 12.15 8.53
C ALA F 61 6.86 11.62 9.83
N LYS F 62 8.18 11.67 9.95
CA LYS F 62 8.90 11.19 11.16
C LYS F 62 9.59 12.38 11.81
N ARG I 2 -9.65 -33.74 -6.85
CA ARG I 2 -11.12 -33.72 -6.59
C ARG I 2 -11.84 -34.45 -7.72
N LYS I 3 -12.01 -33.77 -8.86
CA LYS I 3 -13.01 -34.19 -9.88
C LYS I 3 -12.73 -33.44 -11.19
N LYS I 4 -13.75 -33.31 -12.05
CA LYS I 4 -13.58 -32.54 -13.32
C LYS I 4 -14.76 -31.60 -13.48
N ARG I 5 -14.72 -30.74 -14.51
CA ARG I 5 -15.83 -29.79 -14.77
C ARG I 5 -16.92 -30.50 -15.56
N ILE I 6 -17.46 -31.61 -15.04
CA ILE I 6 -18.46 -32.40 -15.81
C ILE I 6 -19.46 -31.43 -16.43
N PRO I 7 -19.71 -31.33 -17.86
CA PRO I 7 -20.72 -30.45 -18.89
C PRO I 7 -22.11 -30.68 -18.29
N TYR I 8 -22.79 -29.62 -17.84
CA TYR I 8 -24.13 -29.82 -17.22
C TYR I 8 -25.18 -30.13 -18.30
N SER I 9 -26.29 -30.75 -17.90
CA SER I 9 -27.37 -31.12 -18.84
C SER I 9 -27.91 -29.87 -19.53
N LYS I 10 -28.22 -30.01 -20.82
CA LYS I 10 -28.77 -28.88 -21.61
C LYS I 10 -30.00 -28.36 -20.86
N GLY I 11 -30.92 -29.26 -20.55
CA GLY I 11 -32.16 -28.91 -19.86
C GLY I 11 -31.87 -28.28 -18.51
N GLN I 12 -31.06 -28.93 -17.68
CA GLN I 12 -30.84 -28.30 -16.34
C GLN I 12 -30.20 -26.92 -16.56
N LEU I 13 -29.33 -26.82 -17.56
CA LEU I 13 -28.68 -25.54 -17.87
C LEU I 13 -29.79 -24.51 -18.13
N ARG I 14 -30.74 -24.90 -18.98
CA ARG I 14 -31.83 -23.97 -19.38
C ARG I 14 -32.55 -23.41 -18.16
N GLU I 15 -32.99 -24.30 -17.26
CA GLU I 15 -33.70 -23.86 -16.03
C GLU I 15 -32.81 -22.84 -15.33
N LEU I 16 -31.52 -23.06 -15.53
CA LEU I 16 -30.39 -22.26 -15.02
C LEU I 16 -30.68 -20.77 -15.28
N GLU I 17 -30.44 -20.34 -16.52
CA GLU I 17 -30.66 -18.93 -16.90
C GLU I 17 -32.12 -18.59 -16.60
N ARG I 18 -32.96 -19.63 -16.51
CA ARG I 18 -34.39 -19.49 -16.17
C ARG I 18 -34.45 -18.65 -14.90
N GLU I 19 -33.69 -19.05 -13.89
CA GLU I 19 -33.67 -18.31 -12.61
C GLU I 19 -32.81 -17.05 -12.76
N TYR I 20 -31.63 -17.20 -13.36
CA TYR I 20 -30.72 -16.03 -13.49
C TYR I 20 -31.44 -14.97 -14.29
N ALA I 21 -32.31 -15.43 -15.19
CA ALA I 21 -33.14 -14.51 -15.96
C ALA I 21 -33.93 -13.69 -14.93
N ALA I 22 -34.60 -14.39 -14.03
CA ALA I 22 -35.42 -13.77 -12.96
C ALA I 22 -34.55 -12.87 -12.09
N ASN I 23 -33.38 -13.36 -11.65
CA ASN I 23 -32.55 -12.52 -10.76
C ASN I 23 -31.07 -12.82 -10.90
N LYS I 24 -30.25 -11.78 -10.95
CA LYS I 24 -28.78 -11.91 -11.13
C LYS I 24 -28.19 -12.51 -9.86
N PHE I 25 -28.95 -12.51 -8.77
CA PHE I 25 -28.51 -13.10 -7.48
C PHE I 25 -29.50 -14.20 -7.07
N ILE I 26 -29.13 -15.05 -6.12
CA ILE I 26 -30.05 -16.18 -5.83
C ILE I 26 -30.52 -16.18 -4.38
N THR I 27 -31.83 -16.27 -4.16
CA THR I 27 -32.34 -16.33 -2.79
C THR I 27 -31.99 -17.71 -2.24
N LYS I 28 -31.81 -17.82 -0.93
CA LYS I 28 -31.55 -19.14 -0.32
C LYS I 28 -32.81 -19.98 -0.50
N ASP I 29 -33.92 -19.37 -0.90
CA ASP I 29 -35.14 -20.20 -1.08
C ASP I 29 -35.06 -20.96 -2.40
N LYS I 30 -35.06 -20.19 -3.48
CA LYS I 30 -35.02 -20.68 -4.88
C LYS I 30 -33.88 -21.69 -5.05
N ARG I 31 -32.73 -21.42 -4.41
CA ARG I 31 -31.56 -22.32 -4.52
C ARG I 31 -31.99 -23.71 -4.10
N ARG I 32 -32.60 -23.84 -2.92
CA ARG I 32 -33.08 -25.17 -2.51
C ARG I 32 -34.11 -25.59 -3.57
N LYS I 33 -34.95 -24.69 -4.06
CA LYS I 33 -35.99 -25.17 -5.02
C LYS I 33 -35.32 -25.72 -6.29
N ILE I 34 -34.42 -24.94 -6.86
CA ILE I 34 -33.68 -25.22 -8.12
C ILE I 34 -32.79 -26.45 -7.96
N SER I 35 -32.18 -26.62 -6.78
CA SER I 35 -31.28 -27.77 -6.50
C SER I 35 -31.98 -29.08 -6.85
N ALA I 36 -33.08 -29.38 -6.15
CA ALA I 36 -33.87 -30.62 -6.35
C ALA I 36 -34.50 -30.56 -7.73
N ALA I 37 -34.81 -29.34 -8.17
CA ALA I 37 -35.46 -29.12 -9.49
C ALA I 37 -34.52 -29.60 -10.60
N THR I 38 -33.21 -29.52 -10.32
CA THR I 38 -32.16 -29.92 -11.30
C THR I 38 -31.19 -30.92 -10.65
N SER I 39 -31.55 -31.45 -9.47
CA SER I 39 -30.73 -32.48 -8.79
C SER I 39 -29.26 -32.06 -8.73
N LEU I 40 -28.97 -30.93 -8.07
CA LEU I 40 -27.57 -30.46 -7.95
C LEU I 40 -27.35 -29.90 -6.54
N SER I 41 -26.11 -29.85 -6.09
CA SER I 41 -25.82 -29.30 -4.74
C SER I 41 -26.02 -27.80 -4.80
N GLU I 42 -26.41 -27.19 -3.68
CA GLU I 42 -26.54 -25.71 -3.64
C GLU I 42 -25.13 -25.13 -3.83
N ARG I 43 -24.10 -25.93 -3.64
CA ARG I 43 -22.77 -25.33 -3.88
C ARG I 43 -22.70 -25.05 -5.37
N GLN I 44 -22.91 -26.11 -6.17
CA GLN I 44 -22.81 -25.95 -7.65
C GLN I 44 -23.79 -24.86 -8.03
N ILE I 45 -25.00 -24.88 -7.49
CA ILE I 45 -25.95 -23.83 -7.97
C ILE I 45 -25.44 -22.45 -7.58
N THR I 46 -24.88 -22.31 -6.38
CA THR I 46 -24.34 -21.01 -6.00
C THR I 46 -23.13 -20.72 -6.88
N ILE I 47 -22.29 -21.74 -7.05
CA ILE I 47 -21.06 -21.60 -7.87
C ILE I 47 -21.44 -21.15 -9.28
N TRP I 48 -22.48 -21.74 -9.85
CA TRP I 48 -22.90 -21.36 -11.23
C TRP I 48 -23.15 -19.86 -11.30
N PHE I 49 -24.03 -19.37 -10.44
CA PHE I 49 -24.41 -17.94 -10.40
C PHE I 49 -23.17 -17.10 -10.20
N GLN I 50 -22.24 -17.59 -9.38
CA GLN I 50 -20.99 -16.83 -9.15
C GLN I 50 -20.29 -16.67 -10.49
N ASN I 51 -20.25 -17.74 -11.27
CA ASN I 51 -19.57 -17.70 -12.59
C ASN I 51 -20.34 -16.79 -13.55
N ARG I 52 -21.62 -17.11 -13.73
CA ARG I 52 -22.51 -16.39 -14.68
C ARG I 52 -22.32 -14.88 -14.53
N ARG I 53 -22.29 -14.43 -13.28
CA ARG I 53 -22.10 -12.99 -12.95
C ARG I 53 -20.89 -12.51 -13.74
N VAL I 54 -19.79 -13.26 -13.67
CA VAL I 54 -18.56 -12.79 -14.38
C VAL I 54 -18.78 -12.90 -15.88
N LYS I 55 -19.63 -13.84 -16.32
CA LYS I 55 -19.88 -13.99 -17.78
C LYS I 55 -20.37 -12.65 -18.32
N GLU I 56 -21.47 -12.17 -17.73
CA GLU I 56 -22.20 -10.93 -18.08
C GLU I 56 -21.35 -9.70 -17.76
N LYS I 57 -20.34 -9.84 -16.92
CA LYS I 57 -19.48 -8.65 -16.69
C LYS I 57 -18.59 -8.49 -17.93
N LYS I 58 -18.36 -9.61 -18.62
CA LYS I 58 -17.43 -9.65 -19.77
C LYS I 58 -18.11 -9.17 -21.06
N VAL I 59 -19.44 -9.12 -21.07
CA VAL I 59 -20.10 -8.57 -22.28
C VAL I 59 -19.65 -7.12 -22.44
N LEU I 60 -19.54 -6.40 -21.31
CA LEU I 60 -19.13 -4.97 -21.35
C LEU I 60 -18.04 -4.76 -22.40
N ALA I 61 -17.09 -5.70 -22.50
CA ALA I 61 -16.13 -5.69 -23.62
C ALA I 61 -16.80 -5.11 -24.87
N LYS I 62 -17.83 -5.79 -25.38
CA LYS I 62 -18.57 -5.28 -26.56
C LYS I 62 -17.58 -4.74 -27.59
N ILE J 6 -7.27 16.93 -19.96
CA ILE J 6 -8.50 16.20 -19.50
C ILE J 6 -8.63 16.22 -17.97
N PRO J 7 -9.87 16.57 -17.32
CA PRO J 7 -10.53 16.76 -15.77
C PRO J 7 -11.50 15.66 -15.36
N TYR J 8 -11.31 15.15 -14.14
CA TYR J 8 -12.08 14.00 -13.61
C TYR J 8 -13.45 14.51 -13.11
N SER J 9 -14.50 13.70 -13.17
CA SER J 9 -15.86 14.23 -12.83
C SER J 9 -15.96 14.64 -11.37
N LYS J 10 -16.80 15.64 -11.11
CA LYS J 10 -17.04 16.14 -9.73
C LYS J 10 -17.57 14.96 -8.91
N GLY J 11 -18.53 14.23 -9.49
CA GLY J 11 -19.07 13.07 -8.79
C GLY J 11 -17.95 12.08 -8.54
N GLN J 12 -17.13 11.84 -9.56
CA GLN J 12 -15.99 10.91 -9.40
C GLN J 12 -15.09 11.44 -8.29
N LEU J 13 -14.79 12.74 -8.34
CA LEU J 13 -13.94 13.39 -7.33
C LEU J 13 -14.48 13.08 -5.95
N ARG J 14 -15.75 13.40 -5.72
CA ARG J 14 -16.38 13.16 -4.40
C ARG J 14 -16.19 11.71 -4.03
N GLU J 15 -16.34 10.81 -5.01
CA GLU J 15 -16.14 9.37 -4.75
C GLU J 15 -14.74 9.13 -4.18
N LEU J 16 -13.72 9.67 -4.86
CA LEU J 16 -12.32 9.51 -4.40
C LEU J 16 -12.17 9.93 -2.95
N GLU J 17 -12.29 11.23 -2.71
CA GLU J 17 -12.09 11.80 -1.35
C GLU J 17 -12.97 11.03 -0.37
N ARG J 18 -14.07 10.45 -0.86
CA ARG J 18 -14.92 9.65 0.06
C ARG J 18 -14.05 8.53 0.61
N GLU J 19 -13.39 7.79 -0.28
CA GLU J 19 -12.54 6.66 0.16
C GLU J 19 -11.24 7.17 0.78
N TYR J 20 -10.73 8.29 0.29
CA TYR J 20 -9.43 8.80 0.80
C TYR J 20 -9.58 9.11 2.29
N ALA J 21 -10.70 9.69 2.68
CA ALA J 21 -10.91 9.90 4.12
C ALA J 21 -10.96 8.52 4.76
N ALA J 22 -11.49 7.55 4.02
CA ALA J 22 -11.61 6.15 4.50
C ALA J 22 -10.22 5.63 4.80
N ASN J 23 -9.26 5.89 3.90
CA ASN J 23 -7.88 5.39 4.11
C ASN J 23 -6.95 6.10 3.14
N LYS J 24 -5.85 6.67 3.65
CA LYS J 24 -4.87 7.37 2.79
C LYS J 24 -4.34 6.39 1.74
N PHE J 25 -3.88 5.22 2.16
CA PHE J 25 -3.44 4.21 1.17
C PHE J 25 -4.65 3.36 0.77
N ILE J 26 -4.53 2.57 -0.29
CA ILE J 26 -5.72 1.83 -0.75
C ILE J 26 -5.39 0.38 -1.11
N THR J 27 -6.24 -0.54 -0.67
CA THR J 27 -6.10 -1.99 -0.96
C THR J 27 -6.46 -2.19 -2.43
N LYS J 28 -5.88 -3.23 -3.02
CA LYS J 28 -6.18 -3.62 -4.41
C LYS J 28 -7.66 -4.00 -4.48
N ASP J 29 -8.19 -4.55 -3.39
CA ASP J 29 -9.62 -4.90 -3.43
C ASP J 29 -10.40 -3.62 -3.65
N LYS J 30 -9.99 -2.54 -3.00
CA LYS J 30 -10.76 -1.29 -3.12
C LYS J 30 -10.65 -0.66 -4.51
N ARG J 31 -9.41 -0.63 -5.02
CA ARG J 31 -9.03 -0.05 -6.33
C ARG J 31 -9.96 -0.61 -7.38
N ARG J 32 -10.44 -1.83 -7.15
CA ARG J 32 -11.35 -2.50 -8.13
C ARG J 32 -12.68 -1.79 -8.28
N LYS J 33 -13.42 -1.93 -7.18
CA LYS J 33 -14.75 -1.34 -7.00
C LYS J 33 -14.60 0.09 -7.50
N ILE J 34 -13.70 0.81 -6.85
CA ILE J 34 -13.36 2.22 -7.13
C ILE J 34 -13.11 2.42 -8.63
N SER J 35 -12.16 1.71 -9.24
CA SER J 35 -11.95 1.97 -10.70
C SER J 35 -13.21 1.66 -11.50
N ALA J 36 -13.77 0.48 -11.31
CA ALA J 36 -14.97 0.11 -12.06
C ALA J 36 -16.09 1.07 -11.68
N ALA J 37 -16.24 1.29 -10.37
CA ALA J 37 -17.31 2.12 -9.79
C ALA J 37 -17.39 3.47 -10.50
N THR J 38 -16.23 3.93 -10.98
CA THR J 38 -16.12 5.23 -11.70
C THR J 38 -15.49 5.09 -13.09
N SER J 39 -15.43 3.85 -13.58
CA SER J 39 -14.87 3.55 -14.92
C SER J 39 -13.51 4.24 -15.03
N LEU J 40 -12.48 3.92 -14.24
CA LEU J 40 -11.24 4.72 -14.49
C LEU J 40 -10.11 3.82 -14.95
N SER J 41 -8.92 4.07 -14.43
CA SER J 41 -7.78 3.17 -14.64
C SER J 41 -7.19 2.95 -13.27
N GLU J 42 -6.77 1.73 -12.96
CA GLU J 42 -6.19 1.51 -11.62
C GLU J 42 -4.96 2.40 -11.53
N ARG J 43 -4.24 2.52 -12.64
CA ARG J 43 -3.05 3.40 -12.70
C ARG J 43 -3.50 4.79 -12.28
N GLN J 44 -4.57 5.25 -12.93
CA GLN J 44 -5.14 6.59 -12.68
C GLN J 44 -5.53 6.66 -11.22
N ILE J 45 -6.41 5.75 -10.79
CA ILE J 45 -6.87 5.76 -9.37
C ILE J 45 -5.64 5.72 -8.48
N THR J 46 -4.71 4.83 -8.82
CA THR J 46 -3.47 4.73 -8.01
C THR J 46 -2.80 6.11 -8.02
N ILE J 47 -2.68 6.68 -9.21
CA ILE J 47 -2.01 7.99 -9.40
C ILE J 47 -2.73 9.09 -8.63
N TRP J 48 -4.05 9.08 -8.59
CA TRP J 48 -4.73 10.18 -7.85
C TRP J 48 -4.27 10.14 -6.40
N PHE J 49 -4.48 8.98 -5.78
CA PHE J 49 -4.12 8.77 -4.36
C PHE J 49 -2.67 9.18 -4.16
N GLN J 50 -1.80 8.79 -5.08
CA GLN J 50 -0.36 9.14 -4.92
C GLN J 50 -0.24 10.65 -4.83
N ASN J 51 -0.88 11.36 -5.74
CA ASN J 51 -0.81 12.84 -5.77
C ASN J 51 -1.66 13.40 -4.65
N ARG J 52 -2.69 12.66 -4.28
CA ARG J 52 -3.60 13.11 -3.21
C ARG J 52 -2.81 13.33 -1.93
N ARG J 53 -1.96 12.35 -1.58
CA ARG J 53 -1.15 12.40 -0.34
C ARG J 53 -0.29 13.66 -0.35
N VAL J 54 0.23 14.02 -1.51
CA VAL J 54 1.11 15.21 -1.61
C VAL J 54 0.29 16.47 -1.31
N LYS J 55 -0.99 16.45 -1.60
CA LYS J 55 -1.83 17.63 -1.30
C LYS J 55 -1.85 17.85 0.22
N GLU J 56 -2.20 16.76 0.90
CA GLU J 56 -2.32 16.68 2.38
C GLU J 56 -1.01 17.19 2.96
N LYS J 57 0.11 16.91 2.33
CA LYS J 57 1.37 17.41 2.93
C LYS J 57 1.48 18.91 2.67
N LYS J 58 0.52 19.45 1.92
CA LYS J 58 0.53 20.89 1.57
C LYS J 58 -0.65 21.57 2.22
N VAL J 59 -1.17 20.99 3.29
CA VAL J 59 -2.31 21.61 4.00
C VAL J 59 -1.78 22.92 4.59
N LEU J 60 -2.36 24.05 4.18
CA LEU J 60 -1.96 25.37 4.73
C LEU J 60 -3.22 26.02 5.31
N ALA J 61 -3.72 25.44 6.40
CA ALA J 61 -4.96 25.88 7.08
C ALA J 61 -6.12 25.87 6.07
N LYS J 62 -6.21 24.77 5.29
CA LYS J 62 -7.26 24.56 4.27
C LYS J 62 -7.51 25.84 3.46
N ARG K 2 9.54 -2.28 18.17
CA ARG K 2 9.50 -0.93 17.56
C ARG K 2 10.47 0.00 18.30
N LYS K 3 11.49 0.50 17.59
CA LYS K 3 12.53 1.39 18.19
C LYS K 3 13.05 0.73 19.47
N LYS K 4 13.69 -0.44 19.34
CA LYS K 4 14.29 -1.22 20.46
C LYS K 4 15.04 -0.26 21.39
N ARG K 5 14.55 -0.12 22.61
CA ARG K 5 15.15 0.81 23.62
C ARG K 5 16.64 0.52 23.83
N ILE K 6 17.44 1.56 23.99
CA ILE K 6 18.90 1.41 24.22
C ILE K 6 19.28 2.16 25.49
N PRO K 7 19.73 1.49 26.68
CA PRO K 7 20.29 1.89 28.22
C PRO K 7 21.36 2.94 27.94
N TYR K 8 21.38 4.04 28.70
CA TYR K 8 22.37 5.12 28.44
C TYR K 8 23.65 4.84 29.24
N SER K 9 24.79 5.28 28.71
CA SER K 9 26.11 5.06 29.36
C SER K 9 26.18 5.73 30.73
N LYS K 10 26.91 5.12 31.65
CA LYS K 10 27.06 5.62 33.03
C LYS K 10 27.77 6.97 32.97
N GLY K 11 28.61 7.17 31.96
CA GLY K 11 29.25 8.48 31.82
C GLY K 11 28.17 9.51 31.56
N GLN K 12 27.26 9.17 30.66
CA GLN K 12 26.13 10.06 30.34
C GLN K 12 25.38 10.37 31.64
N LEU K 13 24.97 9.30 32.32
CA LEU K 13 24.16 9.38 33.56
C LEU K 13 24.94 10.17 34.59
N ARG K 14 26.23 9.86 34.72
CA ARG K 14 27.06 10.55 35.73
C ARG K 14 26.99 12.05 35.41
N GLU K 15 27.26 12.45 34.17
CA GLU K 15 27.17 13.89 33.89
C GLU K 15 25.69 14.31 33.90
N LEU K 16 24.82 13.40 33.49
CA LEU K 16 23.37 13.73 33.43
C LEU K 16 22.86 14.17 34.80
N GLU K 17 23.02 13.29 35.79
CA GLU K 17 22.52 13.53 37.16
C GLU K 17 23.03 14.85 37.76
N ARG K 18 24.32 15.13 37.58
CA ARG K 18 24.96 16.36 38.11
C ARG K 18 24.11 17.57 37.70
N GLU K 19 23.84 17.70 36.40
CA GLU K 19 23.05 18.87 35.93
C GLU K 19 21.71 18.86 36.66
N TYR K 20 21.03 17.71 36.71
CA TYR K 20 19.70 17.68 37.35
C TYR K 20 19.86 18.06 38.81
N ALA K 21 20.98 17.65 39.41
CA ALA K 21 21.24 18.02 40.82
C ALA K 21 21.21 19.54 40.90
N ALA K 22 21.92 20.20 39.98
CA ALA K 22 22.00 21.68 39.97
C ALA K 22 20.60 22.26 39.74
N ASN K 23 19.88 21.79 38.72
CA ASN K 23 18.55 22.39 38.43
C ASN K 23 17.57 21.27 38.04
N LYS K 24 16.41 21.25 38.71
CA LYS K 24 15.38 20.20 38.47
C LYS K 24 14.79 20.35 37.06
N PHE K 25 15.02 21.51 36.43
CA PHE K 25 14.56 21.80 35.04
C PHE K 25 15.73 22.41 34.27
N ILE K 26 15.91 22.01 33.01
CA ILE K 26 17.08 22.46 32.19
C ILE K 26 16.83 23.82 31.52
N THR K 27 17.88 24.39 30.93
CA THR K 27 17.88 25.75 30.34
C THR K 27 17.80 25.73 28.82
N LYS K 28 17.82 26.93 28.22
CA LYS K 28 17.86 27.04 26.74
C LYS K 28 19.17 26.40 26.29
N ASP K 29 20.31 26.98 26.71
CA ASP K 29 21.64 26.48 26.29
C ASP K 29 21.94 25.14 26.96
N LYS K 30 21.31 24.80 28.10
CA LYS K 30 21.72 23.57 28.84
C LYS K 30 21.61 22.32 27.97
N ARG K 31 20.44 22.15 27.35
CA ARG K 31 20.15 21.00 26.46
C ARG K 31 21.15 21.02 25.30
N ARG K 32 21.58 22.21 24.90
CA ARG K 32 22.56 22.30 23.78
C ARG K 32 23.92 21.77 24.23
N LYS K 33 24.46 22.31 25.31
CA LYS K 33 25.81 21.89 25.77
C LYS K 33 25.86 20.38 26.04
N ILE K 34 24.93 19.84 26.83
CA ILE K 34 24.98 18.41 27.23
C ILE K 34 24.87 17.50 26.02
N SER K 35 24.02 17.89 25.06
CA SER K 35 23.82 17.13 23.81
C SER K 35 25.19 16.81 23.19
N ALA K 36 25.95 17.87 22.92
CA ALA K 36 27.31 17.69 22.36
C ALA K 36 28.17 17.07 23.45
N ALA K 37 27.99 17.55 24.68
CA ALA K 37 28.80 17.07 25.81
C ALA K 37 28.74 15.54 25.88
N THR K 38 27.55 14.99 25.65
CA THR K 38 27.31 13.53 25.67
C THR K 38 26.67 13.06 24.36
N SER K 39 26.97 13.56 23.15
CA SER K 39 26.48 12.90 21.87
C SER K 39 25.01 12.43 21.90
N LEU K 40 24.09 13.25 22.42
CA LEU K 40 22.68 12.84 22.51
C LEU K 40 21.72 13.96 22.08
N SER K 41 20.59 13.55 21.49
CA SER K 41 19.52 14.45 20.97
C SER K 41 18.95 15.26 22.12
N GLU K 42 18.65 16.52 21.83
CA GLU K 42 18.04 17.46 22.80
C GLU K 42 16.74 16.82 23.30
N ARG K 43 16.02 16.20 22.37
CA ARG K 43 14.71 15.56 22.68
C ARG K 43 14.85 14.57 23.83
N GLN K 44 15.72 13.58 23.66
CA GLN K 44 15.96 12.54 24.68
C GLN K 44 16.34 13.25 25.98
N ILE K 45 17.23 14.23 25.88
CA ILE K 45 17.68 14.98 27.09
C ILE K 45 16.43 15.51 27.77
N THR K 46 15.56 16.11 26.96
CA THR K 46 14.29 16.68 27.47
C THR K 46 13.50 15.52 28.06
N ILE K 47 13.39 14.43 27.32
CA ILE K 47 12.63 13.25 27.79
C ILE K 47 13.22 12.78 29.12
N TRP K 48 14.54 12.70 29.21
CA TRP K 48 15.15 12.21 30.46
C TRP K 48 14.73 13.08 31.64
N PHE K 49 14.88 14.40 31.48
CA PHE K 49 14.56 15.30 32.61
C PHE K 49 13.10 15.08 33.02
N GLN K 50 12.22 15.04 32.03
CA GLN K 50 10.79 14.82 32.31
C GLN K 50 10.68 13.49 33.08
N ASN K 51 11.52 12.53 32.70
CA ASN K 51 11.46 11.21 33.36
C ASN K 51 12.11 11.29 34.75
N ARG K 52 13.19 12.06 34.83
CA ARG K 52 13.92 12.23 36.10
C ARG K 52 12.96 12.83 37.13
N ARG K 53 12.29 13.91 36.74
CA ARG K 53 11.34 14.63 37.61
C ARG K 53 10.39 13.62 38.27
N VAL K 54 9.77 12.79 37.45
CA VAL K 54 8.77 11.81 37.96
C VAL K 54 9.46 10.83 38.89
N LYS K 55 10.75 10.57 38.66
CA LYS K 55 11.50 9.65 39.55
C LYS K 55 11.40 10.18 40.98
N GLU K 56 11.72 11.46 41.06
CA GLU K 56 11.73 12.30 42.28
C GLU K 56 10.47 11.99 43.09
N LYS K 57 9.30 12.02 42.46
CA LYS K 57 8.00 11.84 43.13
C LYS K 57 7.94 10.49 43.82
N LYS K 58 8.58 9.48 43.21
CA LYS K 58 8.65 8.14 43.86
C LYS K 58 9.72 8.22 44.95
N VAL K 59 10.84 8.88 44.67
CA VAL K 59 11.88 9.08 45.71
C VAL K 59 11.19 9.66 46.95
N LEU K 60 10.36 10.69 46.75
CA LEU K 60 9.59 11.26 47.88
C LEU K 60 8.89 10.12 48.63
N ALA K 61 9.08 10.05 49.95
CA ALA K 61 8.41 9.00 50.77
C ALA K 61 7.01 8.75 50.21
N LYS K 62 6.25 9.82 49.95
CA LYS K 62 4.89 9.69 49.39
C LYS K 62 4.73 10.63 48.19
N ILE L 6 -4.24 -17.28 -35.80
CA ILE L 6 -3.00 -16.70 -36.37
C ILE L 6 -1.80 -17.48 -35.81
N PRO L 7 -1.14 -18.53 -36.53
CA PRO L 7 0.16 -19.60 -36.31
C PRO L 7 1.35 -18.81 -35.76
N TYR L 8 1.79 -19.18 -34.56
CA TYR L 8 2.87 -18.44 -33.86
C TYR L 8 4.20 -18.70 -34.59
N SER L 9 5.14 -17.75 -34.59
CA SER L 9 6.41 -17.91 -35.35
C SER L 9 7.18 -19.18 -34.99
N LYS L 10 7.91 -19.73 -35.97
CA LYS L 10 8.73 -20.95 -35.69
C LYS L 10 9.70 -20.59 -34.58
N GLY L 11 10.37 -19.44 -34.74
CA GLY L 11 11.33 -18.96 -33.74
C GLY L 11 10.65 -18.91 -32.39
N GLN L 12 9.53 -18.24 -32.32
CA GLN L 12 8.74 -18.13 -31.07
C GLN L 12 8.44 -19.55 -30.58
N LEU L 13 7.89 -20.37 -31.47
CA LEU L 13 7.52 -21.78 -31.15
C LEU L 13 8.75 -22.51 -30.63
N ARG L 14 9.67 -22.68 -31.56
CA ARG L 14 10.95 -23.42 -31.36
C ARG L 14 11.48 -23.06 -29.99
N GLU L 15 11.55 -21.77 -29.68
CA GLU L 15 12.06 -21.40 -28.34
C GLU L 15 11.03 -21.85 -27.31
N LEU L 16 9.78 -21.77 -27.76
CA LEU L 16 8.55 -22.11 -27.01
C LEU L 16 8.75 -23.43 -26.25
N GLU L 17 8.75 -24.54 -26.98
CA GLU L 17 8.90 -25.91 -26.44
C GLU L 17 10.34 -26.09 -25.97
N ARG L 18 11.28 -25.49 -26.73
CA ARG L 18 12.72 -25.51 -26.35
C ARG L 18 12.85 -24.65 -25.09
N GLU L 19 11.72 -24.42 -24.42
CA GLU L 19 11.71 -23.53 -23.25
C GLU L 19 11.49 -24.26 -21.92
N TYR L 20 10.25 -24.14 -21.40
CA TYR L 20 9.76 -24.84 -20.18
C TYR L 20 9.40 -26.23 -20.71
N ALA L 21 10.35 -26.82 -21.43
CA ALA L 21 10.10 -28.19 -21.92
C ALA L 21 9.92 -29.07 -20.67
N ALA L 22 10.94 -29.12 -19.83
CA ALA L 22 10.92 -29.97 -18.61
C ALA L 22 10.01 -29.34 -17.56
N ASN L 23 9.39 -28.25 -17.99
CA ASN L 23 8.59 -27.33 -17.15
C ASN L 23 7.16 -27.84 -17.08
N LYS L 24 6.79 -28.59 -16.05
CA LYS L 24 5.38 -29.08 -16.06
C LYS L 24 4.45 -27.97 -15.56
N PHE L 25 5.01 -26.78 -15.34
CA PHE L 25 4.28 -25.56 -14.92
C PHE L 25 5.16 -24.33 -15.17
N ILE L 26 4.70 -23.13 -14.82
CA ILE L 26 5.52 -21.92 -15.06
C ILE L 26 5.43 -20.98 -13.86
N THR L 27 6.56 -20.54 -13.32
CA THR L 27 6.50 -19.55 -12.21
C THR L 27 6.08 -18.22 -12.83
N LYS L 28 5.33 -17.40 -12.10
CA LYS L 28 4.93 -16.07 -12.62
C LYS L 28 6.20 -15.32 -13.00
N ASP L 29 7.35 -15.80 -12.53
CA ASP L 29 8.63 -15.11 -12.87
C ASP L 29 8.99 -15.37 -14.34
N LYS L 30 9.19 -16.61 -14.74
CA LYS L 30 9.68 -16.81 -16.13
C LYS L 30 8.68 -16.25 -17.15
N ARG L 31 7.44 -16.72 -16.97
CA ARG L 31 6.29 -16.50 -17.87
C ARG L 31 6.39 -15.11 -18.48
N ARG L 32 6.37 -14.09 -17.62
CA ARG L 32 6.55 -12.70 -18.12
C ARG L 32 7.94 -12.67 -18.79
N LYS L 33 8.83 -13.55 -18.35
CA LYS L 33 10.19 -13.58 -18.91
C LYS L 33 10.12 -13.81 -20.43
N ILE L 34 9.67 -15.01 -20.80
CA ILE L 34 9.55 -15.44 -22.22
C ILE L 34 8.60 -14.46 -22.91
N SER L 35 7.51 -14.09 -22.24
CA SER L 35 6.79 -12.97 -22.89
C SER L 35 7.71 -11.74 -22.79
N ALA L 36 8.39 -11.44 -21.68
CA ALA L 36 9.22 -10.19 -21.70
C ALA L 36 10.16 -10.32 -22.91
N ALA L 37 10.34 -11.55 -23.40
CA ALA L 37 11.09 -11.73 -24.67
C ALA L 37 10.05 -11.82 -25.81
N THR L 38 10.48 -12.06 -27.04
CA THR L 38 9.57 -12.22 -28.23
C THR L 38 8.50 -11.11 -28.29
N SER L 39 7.27 -11.47 -28.64
CA SER L 39 6.09 -10.57 -28.62
C SER L 39 4.96 -11.40 -28.02
N LEU L 40 5.16 -12.14 -26.94
CA LEU L 40 4.11 -13.15 -26.64
C LEU L 40 2.88 -12.58 -25.91
N SER L 41 2.05 -13.43 -25.32
CA SER L 41 1.12 -12.84 -24.32
C SER L 41 1.16 -13.73 -23.08
N GLU L 42 1.11 -13.13 -21.90
CA GLU L 42 1.11 -14.01 -20.70
C GLU L 42 -0.11 -14.91 -20.85
N ARG L 43 -1.26 -14.30 -21.14
CA ARG L 43 -2.47 -15.12 -21.39
C ARG L 43 -2.11 -16.03 -22.55
N GLN L 44 -1.57 -15.51 -23.66
CA GLN L 44 -1.32 -16.47 -24.79
C GLN L 44 -0.30 -17.47 -24.28
N ILE L 45 0.50 -17.22 -23.25
CA ILE L 45 1.53 -18.22 -22.84
C ILE L 45 0.90 -19.27 -21.95
N THR L 46 0.10 -18.84 -20.97
CA THR L 46 -0.54 -19.80 -20.05
C THR L 46 -1.41 -20.69 -20.92
N ILE L 47 -2.18 -20.02 -21.76
CA ILE L 47 -3.08 -20.65 -22.75
C ILE L 47 -2.22 -21.70 -23.46
N TRP L 48 -1.06 -21.29 -23.94
CA TRP L 48 -0.19 -22.27 -24.64
C TRP L 48 0.16 -23.41 -23.68
N PHE L 49 0.44 -23.02 -22.44
CA PHE L 49 0.84 -23.96 -21.35
C PHE L 49 -0.18 -25.07 -21.18
N GLN L 50 -1.44 -24.74 -20.88
CA GLN L 50 -2.43 -25.82 -20.65
C GLN L 50 -2.51 -26.65 -21.93
N ASN L 51 -2.34 -26.00 -23.07
CA ASN L 51 -2.36 -26.76 -24.34
C ASN L 51 -1.24 -27.79 -24.26
N ARG L 52 -0.07 -27.36 -23.77
CA ARG L 52 1.08 -28.30 -23.73
C ARG L 52 0.83 -29.32 -22.63
N ARG L 53 0.08 -28.97 -21.56
CA ARG L 53 -0.22 -29.94 -20.46
C ARG L 53 -0.88 -31.16 -21.11
N VAL L 54 -1.89 -30.90 -21.94
CA VAL L 54 -2.68 -31.97 -22.59
C VAL L 54 -1.89 -32.61 -23.72
N LYS L 55 -0.90 -31.91 -24.29
CA LYS L 55 -0.16 -32.55 -25.42
C LYS L 55 0.50 -33.84 -24.93
N GLU L 56 1.20 -33.76 -23.80
CA GLU L 56 1.88 -34.95 -23.22
C GLU L 56 0.82 -35.88 -22.67
N LYS L 57 -0.45 -35.49 -22.72
CA LYS L 57 -1.47 -36.50 -22.32
C LYS L 57 -1.87 -37.29 -23.55
N LYS L 58 -1.19 -37.08 -24.68
CA LYS L 58 -1.56 -37.77 -25.94
C LYS L 58 -0.46 -38.76 -26.34
N VAL L 59 0.47 -39.07 -25.43
CA VAL L 59 1.58 -39.99 -25.82
C VAL L 59 1.18 -41.44 -25.53
#